data_6CZS
#
_entry.id   6CZS
#
_cell.length_a   98.242
_cell.length_b   98.242
_cell.length_c   106.586
_cell.angle_alpha   90.00
_cell.angle_beta   90.00
_cell.angle_gamma   120.00
#
_symmetry.space_group_name_H-M   'P 31 2 1'
#
loop_
_entity.id
_entity.type
_entity.pdbx_description
1 polymer 'Pro-cathepsin H'
2 branched alpha-D-mannopyranose-(1-3)-[alpha-D-mannopyranose-(1-6)]beta-D-mannopyranose-(1-4)-2-acetamido-2-deoxy-beta-D-glucopyranose-(1-4)-2-acetamido-2-deoxy-beta-D-glucopyranose
3 branched alpha-D-glucopyranose-(1-1)-alpha-D-glucopyranose
4 non-polymer 2-acetamido-2-deoxy-beta-D-glucopyranose
5 non-polymer 'SULFATE ION'
6 non-polymer 'CHLORIDE ION'
7 water water
#
_entity_poly.entity_id   1
_entity_poly.type   'polypeptide(L)'
_entity_poly.pdbx_seq_one_letter_code
;MWATLPLLCAGAWLLGVPVCGAAELCVNSLEKFHFKSWMSKHRKTYSTEEYHHRLQTFASNWRKINAHNNGNHTFKMALN
QFSDMSFAEIKHKYLWSEPQNCSATKSNYLRGTGPYPPSVDWRKKGNFVSPVKNQGACGSSWTFSTTGALESAIAIATGK
MLSLAEQQLVDCAQDFNNHGCQGGLPSQAFEYILYNKGIMGEDTYPYQGKDGYCKFQPGKAIGFVKDVANITIYDEEAMV
EAVALYNPVSFAFEVTQDFMMYRTGIYSSTSCHKTPDKVNHAVLAVGYGEKNGIPYWIVKNSWGPQWGMNGYFLIERGKN
MCGLAACASYPIPLV
;
_entity_poly.pdbx_strand_id   A
#
# COMPACT_ATOMS: atom_id res chain seq x y z
N GLU A 24 -11.27 26.80 -15.92
CA GLU A 24 -10.87 27.74 -14.89
C GLU A 24 -11.97 27.90 -13.83
N LEU A 25 -11.60 27.73 -12.57
CA LEU A 25 -12.56 27.78 -11.48
C LEU A 25 -12.58 29.17 -10.83
N CYS A 26 -13.76 29.56 -10.37
CA CYS A 26 -13.90 30.72 -9.51
C CYS A 26 -13.86 30.23 -8.06
N VAL A 27 -12.80 30.59 -7.35
CA VAL A 27 -12.53 30.04 -6.02
C VAL A 27 -13.14 30.96 -4.99
N ASN A 28 -13.93 30.40 -4.08
CA ASN A 28 -14.57 31.22 -3.06
C ASN A 28 -13.64 31.42 -1.87
N SER A 29 -14.03 32.34 -0.98
CA SER A 29 -13.18 32.70 0.15
C SER A 29 -12.99 31.55 1.11
N LEU A 30 -13.99 30.67 1.25
CA LEU A 30 -13.84 29.53 2.15
C LEU A 30 -12.72 28.62 1.66
N GLU A 31 -12.70 28.33 0.36
CA GLU A 31 -11.64 27.51 -0.22
C GLU A 31 -10.29 28.19 -0.10
N LYS A 32 -10.23 29.49 -0.41
CA LYS A 32 -8.97 30.23 -0.29
C LYS A 32 -8.41 30.19 1.13
N PHE A 33 -9.25 30.45 2.14
CA PHE A 33 -8.75 30.46 3.50
C PHE A 33 -8.26 29.08 3.92
N HIS A 34 -8.94 28.04 3.45
CA HIS A 34 -8.55 26.70 3.83
C HIS A 34 -7.29 26.27 3.11
N PHE A 35 -7.09 26.75 1.88
CA PHE A 35 -5.84 26.46 1.18
C PHE A 35 -4.65 27.13 1.87
N LYS A 36 -4.80 28.39 2.30
CA LYS A 36 -3.74 29.01 3.09
C LYS A 36 -3.39 28.17 4.32
N SER A 37 -4.41 27.66 5.02
CA SER A 37 -4.15 26.81 6.18
C SER A 37 -3.46 25.51 5.76
N TRP A 38 -3.92 24.92 4.65
CA TRP A 38 -3.34 23.68 4.15
C TRP A 38 -1.87 23.87 3.79
N MET A 39 -1.56 24.97 3.09
CA MET A 39 -0.18 25.25 2.74
C MET A 39 0.71 25.38 3.97
N SER A 40 0.20 26.03 5.02
CA SER A 40 0.99 26.13 6.25
C SER A 40 1.18 24.77 6.90
N LYS A 41 0.09 23.99 6.97
CA LYS A 41 0.16 22.69 7.60
C LYS A 41 1.13 21.76 6.87
N HIS A 42 1.15 21.83 5.54
CA HIS A 42 2.01 20.95 4.76
C HIS A 42 3.32 21.63 4.35
N ARG A 43 3.65 22.76 4.96
CA ARG A 43 4.96 23.40 4.84
C ARG A 43 5.32 23.71 3.38
N LYS A 44 4.34 24.19 2.64
CA LYS A 44 4.54 24.49 1.24
C LYS A 44 5.02 25.93 1.07
N THR A 45 5.79 26.14 0.00
CA THR A 45 6.10 27.47 -0.52
C THR A 45 5.87 27.44 -2.01
N TYR A 46 5.09 28.38 -2.51
CA TYR A 46 4.77 28.46 -3.92
C TYR A 46 5.00 29.89 -4.41
N SER A 47 5.54 30.02 -5.60
CA SER A 47 5.56 31.32 -6.26
C SER A 47 4.12 31.76 -6.55
N THR A 48 3.93 33.09 -6.65
CA THR A 48 2.61 33.64 -6.97
C THR A 48 1.95 32.84 -8.08
N GLU A 49 2.75 32.45 -9.07
CA GLU A 49 2.30 31.80 -10.29
C GLU A 49 1.86 30.38 -10.03
N GLU A 50 2.73 29.61 -9.37
N GLU A 50 2.74 29.62 -9.37
CA GLU A 50 2.39 28.24 -9.03
CA GLU A 50 2.40 28.25 -9.01
C GLU A 50 1.30 28.19 -7.96
C GLU A 50 1.30 28.20 -7.97
N TYR A 51 1.26 29.19 -7.08
CA TYR A 51 0.20 29.28 -6.08
C TYR A 51 -1.17 29.27 -6.74
N HIS A 52 -1.35 30.11 -7.76
CA HIS A 52 -2.62 30.17 -8.48
C HIS A 52 -2.99 28.81 -9.05
N HIS A 53 -2.00 28.09 -9.60
CA HIS A 53 -2.28 26.78 -10.15
C HIS A 53 -2.59 25.77 -9.06
N ARG A 54 -1.85 25.80 -7.95
CA ARG A 54 -2.10 24.85 -6.86
C ARG A 54 -3.46 25.12 -6.22
N LEU A 55 -3.84 26.39 -6.11
CA LEU A 55 -5.16 26.73 -5.56
C LEU A 55 -6.27 26.18 -6.43
N GLN A 56 -6.12 26.29 -7.75
CA GLN A 56 -7.12 25.74 -8.66
C GLN A 56 -7.29 24.24 -8.45
N THR A 57 -6.17 23.52 -8.32
CA THR A 57 -6.23 22.09 -8.09
C THR A 57 -6.91 21.78 -6.75
N PHE A 58 -6.49 22.48 -5.71
CA PHE A 58 -7.09 22.30 -4.38
C PHE A 58 -8.58 22.56 -4.41
N ALA A 59 -9.01 23.65 -5.06
CA ALA A 59 -10.43 23.96 -5.12
C ALA A 59 -11.19 22.91 -5.91
N SER A 60 -10.61 22.41 -7.00
CA SER A 60 -11.26 21.34 -7.76
C SER A 60 -11.43 20.09 -6.90
N ASN A 61 -10.43 19.77 -6.08
CA ASN A 61 -10.53 18.59 -5.24
C ASN A 61 -11.51 18.82 -4.09
N TRP A 62 -11.51 20.03 -3.53
CA TRP A 62 -12.49 20.43 -2.52
C TRP A 62 -13.90 20.16 -3.00
N ARG A 63 -14.22 20.61 -4.22
CA ARG A 63 -15.56 20.43 -4.76
C ARG A 63 -15.86 18.96 -5.04
N LYS A 64 -14.87 18.19 -5.51
CA LYS A 64 -15.07 16.77 -5.71
C LYS A 64 -15.37 16.06 -4.40
N ILE A 65 -14.60 16.35 -3.35
CA ILE A 65 -14.82 15.72 -2.05
C ILE A 65 -16.22 16.04 -1.54
N ASN A 66 -16.61 17.31 -1.60
CA ASN A 66 -17.94 17.67 -1.10
C ASN A 66 -19.03 17.05 -1.95
N ALA A 67 -18.89 17.08 -3.28
CA ALA A 67 -19.87 16.44 -4.15
C ALA A 67 -20.03 14.97 -3.82
N HIS A 68 -18.91 14.28 -3.56
CA HIS A 68 -18.97 12.86 -3.21
C HIS A 68 -19.63 12.66 -1.84
N ASN A 69 -19.15 13.37 -0.82
CA ASN A 69 -19.65 13.17 0.53
C ASN A 69 -21.10 13.60 0.68
N ASN A 70 -21.53 14.60 -0.10
CA ASN A 70 -22.92 15.06 -0.06
C ASN A 70 -23.87 14.07 -0.72
N GLY A 71 -23.34 13.10 -1.47
CA GLY A 71 -24.15 12.05 -2.05
C GLY A 71 -24.22 10.81 -1.17
N ASN A 72 -24.58 9.69 -1.79
CA ASN A 72 -24.76 8.42 -1.10
C ASN A 72 -23.69 7.45 -1.59
N HIS A 73 -22.73 7.12 -0.72
CA HIS A 73 -21.68 6.18 -1.08
C HIS A 73 -21.27 5.40 0.17
N THR A 74 -20.50 4.34 -0.04
CA THR A 74 -20.06 3.50 1.07
C THR A 74 -18.77 4.00 1.71
N PHE A 75 -18.14 5.04 1.17
CA PHE A 75 -16.95 5.62 1.77
C PHE A 75 -17.01 7.13 1.64
N LYS A 76 -16.29 7.81 2.52
CA LYS A 76 -16.13 9.26 2.50
C LYS A 76 -14.72 9.61 2.05
N MET A 77 -14.59 10.84 1.53
CA MET A 77 -13.32 11.43 1.12
C MET A 77 -12.98 12.59 2.05
N ALA A 78 -11.72 13.04 1.98
CA ALA A 78 -11.27 14.14 2.84
C ALA A 78 -10.02 14.75 2.25
N LEU A 79 -9.67 15.93 2.77
CA LEU A 79 -8.38 16.56 2.47
C LEU A 79 -7.25 15.77 3.12
N ASN A 80 -6.11 15.76 2.45
CA ASN A 80 -4.91 15.11 2.99
C ASN A 80 -3.70 15.71 2.27
N GLN A 81 -2.58 14.99 2.32
CA GLN A 81 -1.36 15.56 1.74
C GLN A 81 -1.39 15.59 0.22
N PHE A 82 -2.36 14.94 -0.42
CA PHE A 82 -2.42 14.91 -1.89
C PHE A 82 -3.37 15.94 -2.47
N SER A 83 -3.99 16.79 -1.63
CA SER A 83 -5.13 17.58 -2.07
C SER A 83 -4.78 18.66 -3.08
N ASP A 84 -3.52 19.09 -3.19
CA ASP A 84 -3.20 20.10 -4.19
C ASP A 84 -2.44 19.53 -5.38
N MET A 85 -2.46 18.21 -5.54
CA MET A 85 -1.79 17.54 -6.66
C MET A 85 -2.81 17.02 -7.66
N SER A 86 -2.49 17.17 -8.94
CA SER A 86 -3.23 16.46 -9.97
C SER A 86 -2.93 14.97 -9.88
N PHE A 87 -3.83 14.15 -10.41
CA PHE A 87 -3.56 12.72 -10.33
C PHE A 87 -2.36 12.34 -11.20
N ALA A 88 -2.13 13.08 -12.29
CA ALA A 88 -0.95 12.80 -13.11
C ALA A 88 0.34 12.97 -12.31
N GLU A 89 0.41 14.04 -11.51
CA GLU A 89 1.58 14.26 -10.66
C GLU A 89 1.68 13.16 -9.61
N ILE A 90 0.54 12.76 -9.03
CA ILE A 90 0.55 11.71 -8.01
C ILE A 90 1.03 10.40 -8.61
N LYS A 91 0.53 10.05 -9.79
CA LYS A 91 0.98 8.83 -10.46
C LYS A 91 2.49 8.84 -10.66
N HIS A 92 3.02 9.97 -11.13
CA HIS A 92 4.46 10.07 -11.43
CA HIS A 92 4.45 10.04 -11.43
C HIS A 92 5.31 9.90 -10.18
N LYS A 93 4.86 10.46 -9.06
CA LYS A 93 5.68 10.53 -7.85
C LYS A 93 5.48 9.36 -6.90
N TYR A 94 4.25 8.87 -6.75
CA TYR A 94 3.91 7.92 -5.69
C TYR A 94 3.56 6.52 -6.19
N LEU A 95 3.15 6.36 -7.43
CA LEU A 95 2.70 5.07 -7.92
C LEU A 95 3.73 4.48 -8.88
N TRP A 96 3.53 3.22 -9.25
CA TRP A 96 4.50 2.53 -10.10
C TRP A 96 4.47 3.10 -11.52
N SER A 97 5.64 3.13 -12.15
CA SER A 97 5.80 3.84 -13.43
C SER A 97 5.43 3.01 -14.65
N GLU A 98 5.37 1.69 -14.52
CA GLU A 98 5.03 0.84 -15.64
C GLU A 98 4.33 -0.39 -15.10
N PRO A 99 3.61 -1.13 -15.95
CA PRO A 99 3.03 -2.40 -15.51
C PRO A 99 4.12 -3.33 -14.98
N GLN A 100 3.81 -4.01 -13.87
CA GLN A 100 4.73 -5.00 -13.34
C GLN A 100 4.31 -6.39 -13.82
N ASN A 101 5.15 -7.37 -13.51
CA ASN A 101 4.90 -8.75 -13.95
C ASN A 101 3.96 -9.47 -12.99
N CYS A 102 2.80 -8.87 -12.77
CA CYS A 102 1.85 -9.38 -11.78
C CYS A 102 1.18 -10.65 -12.29
N SER A 103 0.79 -10.67 -13.57
CA SER A 103 0.16 -11.86 -14.12
C SER A 103 1.11 -13.05 -14.07
N ALA A 104 0.58 -14.20 -13.65
CA ALA A 104 1.35 -15.44 -13.56
C ALA A 104 0.46 -16.60 -13.96
N THR A 105 1.01 -17.53 -14.72
CA THR A 105 0.27 -18.74 -15.06
C THR A 105 0.52 -19.87 -14.08
N LYS A 106 1.57 -19.76 -13.24
CA LYS A 106 1.88 -20.73 -12.21
C LYS A 106 1.74 -20.09 -10.83
N SER A 107 1.27 -20.88 -9.89
CA SER A 107 1.14 -20.48 -8.50
C SER A 107 1.42 -21.70 -7.66
N ASN A 108 1.53 -21.52 -6.35
CA ASN A 108 1.67 -22.67 -5.48
C ASN A 108 0.67 -22.77 -4.34
N TYR A 109 0.01 -21.68 -3.93
CA TYR A 109 -0.96 -21.78 -2.83
C TYR A 109 -2.19 -22.53 -3.29
N LEU A 110 -2.61 -23.52 -2.50
CA LEU A 110 -3.85 -24.27 -2.75
C LEU A 110 -4.76 -24.09 -1.55
N ARG A 111 -5.97 -23.60 -1.81
CA ARG A 111 -6.90 -23.32 -0.72
C ARG A 111 -7.50 -24.61 -0.17
N GLY A 112 -7.62 -24.68 1.15
CA GLY A 112 -8.38 -25.73 1.80
C GLY A 112 -9.86 -25.43 1.79
N THR A 113 -10.53 -25.77 2.87
CA THR A 113 -11.98 -25.76 2.89
C THR A 113 -12.47 -24.81 3.98
N GLY A 114 -13.49 -24.02 3.66
CA GLY A 114 -14.18 -23.18 4.62
C GLY A 114 -15.29 -23.94 5.35
N PRO A 115 -16.17 -23.23 6.07
CA PRO A 115 -16.15 -21.77 6.23
C PRO A 115 -14.98 -21.26 7.05
N TYR A 116 -14.78 -19.96 6.96
CA TYR A 116 -13.75 -19.26 7.69
C TYR A 116 -14.39 -18.33 8.73
N PRO A 117 -13.60 -17.81 9.67
CA PRO A 117 -14.17 -16.92 10.67
C PRO A 117 -14.86 -15.74 10.01
N PRO A 118 -15.92 -15.23 10.63
CA PRO A 118 -16.65 -14.11 10.02
C PRO A 118 -15.82 -12.83 9.97
N SER A 119 -14.87 -12.66 10.90
CA SER A 119 -14.03 -11.49 10.91
CA SER A 119 -14.03 -11.48 10.90
C SER A 119 -12.66 -11.86 11.46
N VAL A 120 -11.63 -11.18 10.96
CA VAL A 120 -10.24 -11.37 11.39
C VAL A 120 -9.61 -9.99 11.43
N ASP A 121 -8.79 -9.73 12.45
CA ASP A 121 -8.01 -8.48 12.50
C ASP A 121 -6.71 -8.76 13.24
N TRP A 122 -5.61 -8.92 12.49
CA TRP A 122 -4.35 -9.27 13.13
C TRP A 122 -3.84 -8.18 14.06
N ARG A 123 -4.32 -6.94 13.92
CA ARG A 123 -3.95 -5.91 14.89
C ARG A 123 -4.52 -6.20 16.26
N LYS A 124 -5.65 -6.91 16.32
CA LYS A 124 -6.31 -7.25 17.57
C LYS A 124 -5.80 -8.53 18.21
N LYS A 125 -5.34 -9.49 17.41
CA LYS A 125 -4.92 -10.78 17.95
C LYS A 125 -3.65 -10.67 18.79
N GLY A 126 -2.91 -9.59 18.64
CA GLY A 126 -1.66 -9.43 19.37
C GLY A 126 -0.85 -8.35 18.70
N ASN A 127 0.41 -8.26 19.13
CA ASN A 127 1.36 -7.29 18.57
C ASN A 127 1.97 -7.85 17.29
N PHE A 128 1.15 -7.88 16.24
CA PHE A 128 1.49 -8.62 15.03
C PHE A 128 1.54 -7.77 13.77
N VAL A 129 1.22 -6.47 13.87
CA VAL A 129 1.28 -5.56 12.73
C VAL A 129 2.15 -4.37 13.13
N SER A 130 3.12 -4.06 12.29
CA SER A 130 4.02 -2.96 12.58
C SER A 130 3.31 -1.61 12.38
N PRO A 131 3.89 -0.53 12.93
CA PRO A 131 3.30 0.81 12.77
C PRO A 131 3.28 1.25 11.32
N VAL A 132 2.41 2.22 11.04
CA VAL A 132 2.25 2.75 9.69
C VAL A 132 3.43 3.63 9.35
N LYS A 133 4.01 3.38 8.18
CA LYS A 133 5.17 4.11 7.70
C LYS A 133 4.77 5.01 6.54
N ASN A 134 5.73 5.79 6.05
CA ASN A 134 5.49 6.72 4.95
C ASN A 134 6.55 6.49 3.87
N GLN A 135 6.09 6.04 2.70
CA GLN A 135 7.00 5.81 1.58
C GLN A 135 7.53 7.10 0.97
N GLY A 136 6.88 8.23 1.21
CA GLY A 136 7.34 9.46 0.57
C GLY A 136 7.09 9.45 -0.94
N ALA A 137 7.76 10.38 -1.63
CA ALA A 137 7.52 10.60 -3.06
C ALA A 137 8.41 9.64 -3.87
N CYS A 138 8.12 8.35 -3.71
CA CYS A 138 8.89 7.28 -4.31
C CYS A 138 7.89 6.16 -4.55
N GLY A 139 7.99 5.49 -5.70
CA GLY A 139 7.04 4.43 -6.01
C GLY A 139 7.46 3.11 -5.41
N SER A 140 7.71 3.11 -4.10
CA SER A 140 8.27 1.98 -3.38
C SER A 140 7.24 1.23 -2.54
N SER A 141 5.94 1.39 -2.81
CA SER A 141 4.95 0.71 -1.97
C SER A 141 5.16 -0.80 -1.95
N TRP A 142 5.65 -1.38 -3.04
CA TRP A 142 5.95 -2.81 -3.04
C TRP A 142 6.91 -3.18 -1.92
N THR A 143 7.85 -2.28 -1.55
CA THR A 143 8.78 -2.61 -0.47
C THR A 143 8.10 -2.58 0.90
N PHE A 144 7.13 -1.68 1.10
CA PHE A 144 6.42 -1.59 2.38
C PHE A 144 5.45 -2.73 2.53
N SER A 145 4.82 -3.14 1.43
CA SER A 145 3.99 -4.35 1.45
C SER A 145 4.82 -5.56 1.83
N THR A 146 6.04 -5.65 1.28
CA THR A 146 6.92 -6.78 1.56
C THR A 146 7.39 -6.80 3.00
N THR A 147 7.97 -5.69 3.48
CA THR A 147 8.45 -5.68 4.85
C THR A 147 7.31 -5.88 5.83
N GLY A 148 6.15 -5.26 5.56
CA GLY A 148 5.01 -5.45 6.44
C GLY A 148 4.60 -6.90 6.56
N ALA A 149 4.50 -7.61 5.43
CA ALA A 149 4.12 -9.01 5.48
C ALA A 149 5.16 -9.85 6.22
N LEU A 150 6.45 -9.55 6.02
CA LEU A 150 7.48 -10.36 6.67
C LEU A 150 7.59 -10.02 8.15
N GLU A 151 7.48 -8.72 8.50
CA GLU A 151 7.42 -8.33 9.90
C GLU A 151 6.32 -9.08 10.63
N SER A 152 5.13 -9.10 10.01
CA SER A 152 3.99 -9.77 10.66
C SER A 152 4.24 -11.27 10.78
N ALA A 153 4.75 -11.90 9.71
CA ALA A 153 4.98 -13.34 9.75
C ALA A 153 5.99 -13.69 10.84
N ILE A 154 7.03 -12.88 11.00
CA ILE A 154 8.02 -13.15 12.04
C ILE A 154 7.40 -12.95 13.42
N ALA A 155 6.59 -11.90 13.59
CA ALA A 155 5.98 -11.64 14.90
C ALA A 155 5.01 -12.73 15.28
N ILE A 156 4.25 -13.23 14.31
CA ILE A 156 3.31 -14.32 14.59
C ILE A 156 4.07 -15.59 14.94
N ALA A 157 5.19 -15.85 14.25
CA ALA A 157 5.94 -17.08 14.50
C ALA A 157 6.72 -17.05 15.81
N THR A 158 7.34 -15.90 16.14
CA THR A 158 8.31 -15.85 17.22
C THR A 158 7.95 -14.89 18.35
N GLY A 159 6.92 -14.07 18.19
CA GLY A 159 6.57 -13.11 19.22
C GLY A 159 7.42 -11.86 19.24
N LYS A 160 8.35 -11.70 18.30
CA LYS A 160 9.20 -10.52 18.22
C LYS A 160 8.78 -9.67 17.03
N MET A 161 8.54 -8.37 17.27
CA MET A 161 8.21 -7.43 16.21
C MET A 161 9.47 -6.68 15.78
N LEU A 162 9.86 -6.87 14.53
CA LEU A 162 10.99 -6.19 13.91
C LEU A 162 10.50 -5.08 12.99
N SER A 163 11.40 -4.17 12.64
CA SER A 163 11.16 -3.20 11.58
C SER A 163 12.24 -3.38 10.53
N LEU A 164 11.85 -3.85 9.36
CA LEU A 164 12.79 -4.28 8.34
C LEU A 164 13.00 -3.16 7.30
N ALA A 165 14.14 -3.22 6.62
CA ALA A 165 14.60 -2.07 5.82
C ALA A 165 14.02 -2.09 4.40
N GLU A 166 12.97 -1.29 4.17
CA GLU A 166 12.50 -1.06 2.81
C GLU A 166 13.63 -0.56 1.91
N GLN A 167 14.57 0.22 2.45
CA GLN A 167 15.59 0.81 1.59
C GLN A 167 16.47 -0.27 0.99
N GLN A 168 16.68 -1.39 1.69
CA GLN A 168 17.45 -2.48 1.10
C GLN A 168 16.76 -3.00 -0.15
N LEU A 169 15.44 -3.12 -0.12
CA LEU A 169 14.71 -3.56 -1.30
C LEU A 169 14.80 -2.55 -2.41
N VAL A 170 14.65 -1.26 -2.10
CA VAL A 170 14.75 -0.23 -3.13
C VAL A 170 16.10 -0.31 -3.83
N ASP A 171 17.17 -0.44 -3.05
CA ASP A 171 18.53 -0.33 -3.59
C ASP A 171 19.06 -1.64 -4.17
N CYS A 172 18.58 -2.80 -3.73
CA CYS A 172 19.32 -4.04 -3.97
C CYS A 172 18.55 -5.13 -4.69
N ALA A 173 17.23 -5.02 -4.88
CA ALA A 173 16.43 -6.16 -5.31
C ALA A 173 16.23 -6.23 -6.84
N GLN A 174 17.08 -5.57 -7.63
CA GLN A 174 16.83 -5.45 -9.06
C GLN A 174 17.00 -6.76 -9.84
N ASP A 175 17.76 -7.72 -9.31
CA ASP A 175 17.94 -8.98 -10.02
C ASP A 175 16.68 -9.82 -10.05
N PHE A 176 15.64 -9.43 -9.33
CA PHE A 176 14.38 -10.14 -9.32
C PHE A 176 13.29 -9.30 -9.97
N ASN A 177 13.70 -8.52 -10.98
CA ASN A 177 12.80 -7.72 -11.80
C ASN A 177 12.06 -6.66 -10.97
N ASN A 178 12.71 -6.14 -9.95
CA ASN A 178 12.20 -4.97 -9.25
C ASN A 178 12.97 -3.73 -9.70
N HIS A 179 12.37 -2.56 -9.45
CA HIS A 179 12.81 -1.34 -10.09
C HIS A 179 12.85 -0.15 -9.13
N GLY A 180 13.15 -0.41 -7.85
CA GLY A 180 13.37 0.68 -6.91
C GLY A 180 12.16 1.59 -6.80
N CYS A 181 12.41 2.89 -6.89
CA CYS A 181 11.31 3.85 -6.78
C CYS A 181 10.39 3.87 -8.00
N GLN A 182 10.64 3.06 -9.02
N GLN A 182 10.67 3.07 -9.04
CA GLN A 182 9.76 2.99 -10.17
CA GLN A 182 9.78 2.96 -10.18
C GLN A 182 8.79 1.81 -10.08
C GLN A 182 8.71 1.90 -10.00
N GLY A 183 8.92 0.96 -9.08
CA GLY A 183 7.99 -0.14 -8.89
C GLY A 183 8.68 -1.48 -8.71
N GLY A 184 7.83 -2.48 -8.43
CA GLY A 184 8.31 -3.81 -8.09
C GLY A 184 7.12 -4.60 -7.58
N LEU A 185 7.41 -5.82 -7.11
CA LEU A 185 6.32 -6.69 -6.63
C LEU A 185 6.71 -7.42 -5.36
N PRO A 186 5.79 -7.55 -4.40
CA PRO A 186 6.13 -8.29 -3.17
C PRO A 186 6.66 -9.69 -3.41
N SER A 187 6.05 -10.49 -4.30
CA SER A 187 6.52 -11.87 -4.44
C SER A 187 7.96 -11.90 -4.93
N GLN A 188 8.30 -11.01 -5.86
CA GLN A 188 9.66 -10.91 -6.34
C GLN A 188 10.60 -10.44 -5.24
N ALA A 189 10.12 -9.54 -4.38
CA ALA A 189 10.94 -9.08 -3.26
C ALA A 189 11.13 -10.18 -2.21
N PHE A 190 10.10 -10.99 -1.96
CA PHE A 190 10.29 -12.13 -1.06
C PHE A 190 11.38 -13.08 -1.60
N GLU A 191 11.35 -13.34 -2.92
CA GLU A 191 12.36 -14.20 -3.52
C GLU A 191 13.75 -13.60 -3.37
N TYR A 192 13.87 -12.28 -3.55
CA TYR A 192 15.15 -11.64 -3.33
C TYR A 192 15.64 -11.87 -1.91
N ILE A 193 14.77 -11.69 -0.90
CA ILE A 193 15.21 -11.85 0.48
C ILE A 193 15.66 -13.28 0.73
N LEU A 194 14.93 -14.25 0.18
CA LEU A 194 15.30 -15.66 0.33
C LEU A 194 16.71 -15.94 -0.19
N TYR A 195 16.97 -15.57 -1.44
CA TYR A 195 18.25 -15.89 -2.06
C TYR A 195 19.38 -14.98 -1.57
N ASN A 196 19.05 -13.77 -1.11
CA ASN A 196 20.04 -12.87 -0.55
C ASN A 196 20.51 -13.29 0.84
N LYS A 197 19.84 -14.25 1.46
CA LYS A 197 20.08 -14.65 2.85
C LYS A 197 19.74 -13.54 3.85
N GLY A 198 18.72 -12.75 3.57
CA GLY A 198 18.10 -11.97 4.62
C GLY A 198 18.01 -10.49 4.31
N ILE A 199 17.31 -9.79 5.20
CA ILE A 199 17.08 -8.37 5.09
C ILE A 199 17.42 -7.71 6.41
N MET A 200 18.10 -6.55 6.35
CA MET A 200 18.51 -5.80 7.51
C MET A 200 17.33 -5.05 8.12
N GLY A 201 17.54 -4.51 9.33
CA GLY A 201 16.56 -3.66 9.96
C GLY A 201 16.63 -2.21 9.50
N GLU A 202 15.53 -1.47 9.72
CA GLU A 202 15.57 -0.03 9.49
CA GLU A 202 15.56 -0.02 9.51
C GLU A 202 16.70 0.63 10.28
N ASP A 203 17.04 0.05 11.43
CA ASP A 203 18.06 0.67 12.29
C ASP A 203 19.43 0.71 11.62
N THR A 204 19.79 -0.31 10.86
CA THR A 204 21.10 -0.33 10.20
C THR A 204 21.05 0.13 8.75
N TYR A 205 19.87 0.25 8.16
CA TYR A 205 19.73 0.60 6.75
C TYR A 205 18.55 1.54 6.62
N PRO A 206 18.74 2.82 6.95
CA PRO A 206 17.59 3.74 7.06
C PRO A 206 16.95 4.05 5.71
N TYR A 207 15.67 4.40 5.79
CA TYR A 207 14.92 4.73 4.58
C TYR A 207 15.20 6.15 4.12
N GLN A 208 15.49 6.31 2.82
CA GLN A 208 15.86 7.60 2.26
C GLN A 208 14.83 8.15 1.28
N GLY A 209 13.92 7.31 0.79
CA GLY A 209 12.93 7.81 -0.15
C GLY A 209 13.46 8.08 -1.53
N LYS A 210 14.57 7.45 -1.91
CA LYS A 210 15.18 7.62 -3.21
C LYS A 210 16.10 6.45 -3.47
N ASP A 211 16.42 6.24 -4.74
CA ASP A 211 17.27 5.12 -5.11
C ASP A 211 18.71 5.44 -4.70
N GLY A 212 19.38 4.49 -4.06
CA GLY A 212 20.74 4.71 -3.61
C GLY A 212 21.62 3.53 -3.90
N TYR A 213 22.87 3.57 -3.44
CA TYR A 213 23.76 2.43 -3.61
C TYR A 213 23.38 1.32 -2.64
N CYS A 214 23.59 0.07 -3.06
N CYS A 214 23.54 0.08 -3.09
CA CYS A 214 23.30 -1.05 -2.18
CA CYS A 214 23.25 -1.06 -2.24
C CYS A 214 24.31 -1.10 -1.05
C CYS A 214 24.28 -1.14 -1.12
N LYS A 215 23.80 -1.13 0.20
N LYS A 215 23.79 -1.22 0.12
CA LYS A 215 24.64 -1.21 1.39
CA LYS A 215 24.64 -1.24 1.30
C LYS A 215 24.33 -2.47 2.21
C LYS A 215 24.33 -2.45 2.16
N PHE A 216 23.94 -3.56 1.54
CA PHE A 216 23.63 -4.76 2.30
C PHE A 216 24.88 -5.31 2.99
N GLN A 217 24.74 -5.63 4.26
CA GLN A 217 25.79 -6.30 5.05
C GLN A 217 25.25 -7.62 5.57
N PRO A 218 25.78 -8.76 5.10
CA PRO A 218 25.26 -10.07 5.55
C PRO A 218 25.14 -10.24 7.06
N GLY A 219 26.13 -9.80 7.82
CA GLY A 219 26.08 -9.99 9.26
C GLY A 219 25.07 -9.16 10.00
N LYS A 220 24.35 -8.28 9.30
CA LYS A 220 23.34 -7.44 9.93
C LYS A 220 21.93 -7.79 9.48
N ALA A 221 21.77 -8.85 8.69
CA ALA A 221 20.42 -9.32 8.37
C ALA A 221 19.72 -9.83 9.63
N ILE A 222 18.43 -9.50 9.76
CA ILE A 222 17.67 -9.90 10.95
C ILE A 222 16.36 -10.58 10.58
N GLY A 223 15.96 -10.48 9.32
CA GLY A 223 14.74 -11.12 8.84
C GLY A 223 15.04 -12.02 7.65
N PHE A 224 14.40 -13.20 7.62
CA PHE A 224 14.75 -14.22 6.64
C PHE A 224 13.50 -14.91 6.11
N VAL A 225 13.56 -15.33 4.85
CA VAL A 225 12.45 -15.96 4.15
C VAL A 225 12.84 -17.40 3.81
N LYS A 226 11.97 -18.35 4.17
CA LYS A 226 12.13 -19.76 3.86
C LYS A 226 11.42 -20.17 2.57
N ASP A 227 10.17 -19.74 2.40
CA ASP A 227 9.39 -20.03 1.21
C ASP A 227 8.53 -18.82 0.87
N VAL A 228 8.05 -18.78 -0.37
CA VAL A 228 7.16 -17.74 -0.87
C VAL A 228 5.86 -18.42 -1.32
N ALA A 229 4.74 -17.93 -0.81
CA ALA A 229 3.42 -18.38 -1.22
C ALA A 229 2.82 -17.40 -2.22
N ASN A 230 2.58 -17.86 -3.45
CA ASN A 230 1.91 -17.07 -4.48
C ASN A 230 0.49 -17.58 -4.63
N ILE A 231 -0.47 -16.69 -4.44
CA ILE A 231 -1.87 -17.06 -4.57
C ILE A 231 -2.28 -16.97 -6.03
N THR A 232 -3.04 -17.96 -6.48
CA THR A 232 -3.47 -18.01 -7.87
C THR A 232 -4.19 -16.73 -8.28
N ILE A 233 -3.92 -16.28 -9.52
CA ILE A 233 -4.56 -15.10 -10.04
C ILE A 233 -6.08 -15.21 -9.89
N TYR A 234 -6.67 -14.16 -9.31
CA TYR A 234 -8.10 -13.97 -9.06
C TYR A 234 -8.66 -14.85 -7.94
N ASP A 235 -7.81 -15.53 -7.17
CA ASP A 235 -8.26 -16.46 -6.14
C ASP A 235 -8.46 -15.72 -4.81
N GLU A 236 -9.47 -14.85 -4.81
CA GLU A 236 -9.71 -13.98 -3.65
C GLU A 236 -10.08 -14.80 -2.42
N GLU A 237 -10.77 -15.93 -2.60
CA GLU A 237 -11.12 -16.74 -1.43
C GLU A 237 -9.87 -17.36 -0.78
N ALA A 238 -8.83 -17.65 -1.57
CA ALA A 238 -7.56 -18.08 -0.97
C ALA A 238 -6.94 -16.99 -0.12
N MET A 239 -7.10 -15.73 -0.52
CA MET A 239 -6.65 -14.62 0.32
C MET A 239 -7.39 -14.61 1.66
N VAL A 240 -8.69 -14.90 1.63
CA VAL A 240 -9.46 -14.96 2.88
C VAL A 240 -8.89 -16.04 3.79
N GLU A 241 -8.68 -17.24 3.23
CA GLU A 241 -8.14 -18.33 4.03
C GLU A 241 -6.76 -17.99 4.58
N ALA A 242 -5.90 -17.41 3.73
CA ALA A 242 -4.53 -17.12 4.17
C ALA A 242 -4.52 -16.11 5.31
N VAL A 243 -5.32 -15.06 5.21
CA VAL A 243 -5.40 -14.07 6.29
C VAL A 243 -5.99 -14.70 7.55
N ALA A 244 -6.99 -15.56 7.38
CA ALA A 244 -7.61 -16.17 8.57
C ALA A 244 -6.68 -17.16 9.26
N LEU A 245 -5.96 -17.99 8.49
CA LEU A 245 -5.21 -19.10 9.08
C LEU A 245 -3.73 -18.80 9.29
N TYR A 246 -3.11 -17.98 8.45
CA TYR A 246 -1.65 -17.88 8.48
C TYR A 246 -1.16 -16.48 8.86
N ASN A 247 -1.50 -15.45 8.09
CA ASN A 247 -0.92 -14.14 8.35
C ASN A 247 -1.41 -13.08 7.37
N PRO A 248 -1.07 -11.81 7.59
CA PRO A 248 -1.39 -10.77 6.60
C PRO A 248 -0.83 -11.12 5.24
N VAL A 249 -1.50 -10.60 4.20
CA VAL A 249 -1.20 -10.98 2.82
C VAL A 249 -0.89 -9.72 2.03
N SER A 250 0.26 -9.73 1.32
CA SER A 250 0.56 -8.64 0.42
C SER A 250 -0.28 -8.73 -0.84
N PHE A 251 -0.79 -7.59 -1.31
CA PHE A 251 -1.47 -7.60 -2.60
C PHE A 251 -1.27 -6.26 -3.32
N ALA A 252 -1.51 -6.27 -4.63
CA ALA A 252 -1.44 -5.07 -5.45
C ALA A 252 -2.80 -4.77 -6.07
N PHE A 253 -3.08 -3.49 -6.31
CA PHE A 253 -4.33 -3.12 -6.95
C PHE A 253 -4.12 -1.81 -7.70
N GLU A 254 -5.14 -1.41 -8.46
CA GLU A 254 -5.08 -0.17 -9.23
C GLU A 254 -5.64 0.98 -8.41
N VAL A 255 -4.76 1.91 -8.04
CA VAL A 255 -5.14 3.19 -7.45
C VAL A 255 -5.59 4.13 -8.55
N THR A 256 -6.75 4.76 -8.37
CA THR A 256 -7.26 5.84 -9.21
C THR A 256 -7.43 7.11 -8.38
N GLN A 257 -7.87 8.17 -9.05
CA GLN A 257 -7.90 9.50 -8.46
C GLN A 257 -8.69 9.55 -7.15
N ASP A 258 -9.88 8.95 -7.12
CA ASP A 258 -10.67 9.15 -5.91
C ASP A 258 -10.14 8.33 -4.74
N PHE A 259 -9.35 7.29 -4.99
CA PHE A 259 -8.75 6.55 -3.89
C PHE A 259 -7.79 7.42 -3.08
N MET A 260 -7.08 8.33 -3.76
CA MET A 260 -6.10 9.17 -3.06
C MET A 260 -6.76 9.98 -1.96
N MET A 261 -8.03 10.31 -2.13
CA MET A 261 -8.75 11.15 -1.20
C MET A 261 -9.61 10.35 -0.25
N TYR A 262 -9.47 9.03 -0.23
CA TYR A 262 -10.22 8.20 0.71
C TYR A 262 -9.99 8.65 2.15
N ARG A 263 -11.06 8.65 2.95
CA ARG A 263 -10.99 9.00 4.37
C ARG A 263 -11.48 7.90 5.29
N THR A 264 -12.64 7.32 5.02
CA THR A 264 -13.20 6.32 5.92
C THR A 264 -14.28 5.55 5.18
N GLY A 265 -14.64 4.40 5.74
CA GLY A 265 -15.67 3.58 5.15
C GLY A 265 -15.09 2.55 4.21
N ILE A 266 -15.95 1.99 3.35
CA ILE A 266 -15.56 0.88 2.48
C ILE A 266 -15.35 1.41 1.08
N TYR A 267 -14.11 1.41 0.61
CA TYR A 267 -13.81 1.90 -0.72
C TYR A 267 -14.32 0.93 -1.80
N SER A 268 -14.90 1.49 -2.84
CA SER A 268 -15.20 0.75 -4.05
C SER A 268 -15.16 1.72 -5.23
N SER A 269 -15.06 1.16 -6.43
CA SER A 269 -14.97 1.97 -7.63
C SER A 269 -15.50 1.18 -8.80
N THR A 270 -16.21 1.86 -9.70
CA THR A 270 -16.63 1.28 -10.97
C THR A 270 -15.69 1.65 -12.10
N SER A 271 -14.67 2.49 -11.84
CA SER A 271 -13.77 2.93 -12.88
C SER A 271 -12.38 2.31 -12.81
N CYS A 272 -12.00 1.68 -11.70
CA CYS A 272 -10.72 0.98 -11.66
C CYS A 272 -10.81 -0.29 -12.52
N HIS A 273 -9.69 -0.69 -13.11
CA HIS A 273 -9.64 -1.97 -13.80
C HIS A 273 -9.37 -3.08 -12.81
N LYS A 274 -9.56 -4.32 -13.27
CA LYS A 274 -9.40 -5.49 -12.40
C LYS A 274 -8.32 -6.45 -12.89
N THR A 275 -7.47 -6.02 -13.82
CA THR A 275 -6.51 -6.89 -14.46
C THR A 275 -5.10 -6.69 -13.93
N PRO A 276 -4.24 -7.71 -14.03
CA PRO A 276 -2.89 -7.58 -13.45
C PRO A 276 -2.05 -6.51 -14.09
N ASP A 277 -2.28 -6.20 -15.37
CA ASP A 277 -1.40 -5.23 -16.02
C ASP A 277 -1.70 -3.80 -15.61
N LYS A 278 -2.78 -3.58 -14.85
CA LYS A 278 -3.16 -2.24 -14.44
C LYS A 278 -2.88 -1.93 -12.98
N VAL A 279 -2.47 -2.91 -12.18
CA VAL A 279 -2.21 -2.60 -10.78
C VAL A 279 -0.96 -1.73 -10.68
N ASN A 280 -0.95 -0.83 -9.67
CA ASN A 280 0.11 0.17 -9.62
C ASN A 280 0.51 0.53 -8.18
N HIS A 281 0.11 -0.27 -7.20
CA HIS A 281 0.33 0.05 -5.79
C HIS A 281 0.20 -1.26 -5.02
N ALA A 282 1.05 -1.46 -4.01
CA ALA A 282 0.96 -2.66 -3.19
C ALA A 282 0.76 -2.28 -1.72
N VAL A 283 0.02 -3.14 -1.01
CA VAL A 283 -0.43 -2.88 0.35
C VAL A 283 -0.51 -4.20 1.09
N LEU A 284 -1.04 -4.18 2.32
CA LEU A 284 -1.04 -5.37 3.18
C LEU A 284 -2.42 -5.61 3.78
N ALA A 285 -3.04 -6.73 3.41
CA ALA A 285 -4.33 -7.08 4.02
C ALA A 285 -4.07 -7.66 5.41
N VAL A 286 -4.61 -7.03 6.45
CA VAL A 286 -4.36 -7.46 7.82
C VAL A 286 -5.61 -8.04 8.46
N GLY A 287 -6.72 -8.06 7.74
CA GLY A 287 -7.95 -8.61 8.29
C GLY A 287 -9.08 -8.43 7.31
N TYR A 288 -10.27 -8.80 7.77
CA TYR A 288 -11.48 -8.62 6.97
C TYR A 288 -12.69 -8.63 7.89
N GLY A 289 -13.80 -8.15 7.37
CA GLY A 289 -15.03 -8.08 8.13
C GLY A 289 -16.19 -7.76 7.24
N GLU A 290 -17.28 -7.30 7.86
CA GLU A 290 -18.46 -6.94 7.10
C GLU A 290 -19.22 -5.87 7.88
N LYS A 291 -19.80 -4.92 7.15
CA LYS A 291 -20.58 -3.84 7.75
C LYS A 291 -21.80 -3.60 6.85
N ASN A 292 -22.99 -3.69 7.46
CA ASN A 292 -24.25 -3.45 6.74
C ASN A 292 -24.37 -4.39 5.54
N GLY A 293 -23.91 -5.63 5.72
CA GLY A 293 -23.98 -6.60 4.64
C GLY A 293 -22.94 -6.43 3.55
N ILE A 294 -21.99 -5.53 3.70
CA ILE A 294 -20.96 -5.31 2.68
C ILE A 294 -19.65 -5.90 3.21
N PRO A 295 -19.13 -6.97 2.61
CA PRO A 295 -17.86 -7.53 3.08
C PRO A 295 -16.71 -6.62 2.69
N TYR A 296 -15.69 -6.58 3.53
CA TYR A 296 -14.54 -5.72 3.25
C TYR A 296 -13.25 -6.38 3.72
N TRP A 297 -12.15 -5.83 3.20
CA TRP A 297 -10.79 -6.08 3.63
C TRP A 297 -10.31 -4.93 4.51
N ILE A 298 -9.53 -5.25 5.54
CA ILE A 298 -8.83 -4.25 6.35
C ILE A 298 -7.39 -4.19 5.85
N VAL A 299 -6.95 -3.02 5.42
CA VAL A 299 -5.70 -2.92 4.66
C VAL A 299 -4.81 -1.82 5.21
N LYS A 300 -3.53 -2.15 5.44
CA LYS A 300 -2.53 -1.17 5.84
C LYS A 300 -1.91 -0.52 4.61
N ASN A 301 -1.84 0.81 4.59
CA ASN A 301 -1.21 1.56 3.51
C ASN A 301 0.13 2.09 4.01
N SER A 302 0.84 2.80 3.14
CA SER A 302 2.18 3.32 3.43
C SER A 302 2.27 4.81 3.11
N TRP A 303 1.18 5.55 3.36
CA TRP A 303 1.15 6.99 3.17
C TRP A 303 1.04 7.72 4.52
N GLY A 304 1.54 7.10 5.58
CA GLY A 304 1.61 7.71 6.88
C GLY A 304 0.33 7.53 7.68
N PRO A 305 0.42 7.75 8.99
CA PRO A 305 -0.68 7.42 9.88
C PRO A 305 -1.83 8.41 9.85
N GLN A 306 -1.72 9.52 9.15
CA GLN A 306 -2.86 10.43 9.08
C GLN A 306 -3.61 10.33 7.77
N TRP A 307 -3.21 9.44 6.86
CA TRP A 307 -4.00 9.19 5.66
C TRP A 307 -5.08 8.17 6.00
N GLY A 308 -6.29 8.41 5.49
CA GLY A 308 -7.33 7.38 5.64
C GLY A 308 -7.74 7.17 7.10
N MET A 309 -7.86 5.90 7.50
CA MET A 309 -8.27 5.54 8.86
C MET A 309 -7.01 5.20 9.64
N ASN A 310 -6.36 6.24 10.15
CA ASN A 310 -5.10 6.08 10.89
C ASN A 310 -4.07 5.29 10.08
N GLY A 311 -4.06 5.52 8.77
CA GLY A 311 -3.10 4.89 7.87
C GLY A 311 -3.63 3.67 7.14
N TYR A 312 -4.85 3.23 7.49
CA TYR A 312 -5.49 2.03 6.98
C TYR A 312 -6.66 2.42 6.08
N PHE A 313 -7.13 1.44 5.31
CA PHE A 313 -8.38 1.62 4.60
C PHE A 313 -9.13 0.31 4.55
N LEU A 314 -10.45 0.41 4.35
CA LEU A 314 -11.28 -0.73 4.02
C LEU A 314 -11.60 -0.70 2.54
N ILE A 315 -11.62 -1.87 1.92
CA ILE A 315 -11.95 -1.98 0.50
C ILE A 315 -12.88 -3.17 0.31
N GLU A 316 -13.84 -3.03 -0.61
CA GLU A 316 -14.86 -4.07 -0.74
C GLU A 316 -14.22 -5.42 -1.09
N ARG A 317 -14.77 -6.48 -0.49
CA ARG A 317 -14.25 -7.83 -0.57
C ARG A 317 -15.23 -8.71 -1.36
N GLY A 318 -14.69 -9.67 -2.11
CA GLY A 318 -15.49 -10.58 -2.88
C GLY A 318 -15.80 -10.16 -4.30
N LYS A 319 -15.20 -9.07 -4.78
CA LYS A 319 -15.47 -8.54 -6.10
C LYS A 319 -14.20 -8.35 -6.95
N ASN A 320 -13.06 -8.84 -6.49
CA ASN A 320 -11.76 -8.53 -7.11
C ASN A 320 -11.67 -7.02 -7.33
N MET A 321 -12.05 -6.26 -6.30
CA MET A 321 -12.15 -4.82 -6.45
C MET A 321 -10.79 -4.21 -6.81
N CYS A 322 -10.76 -3.45 -7.90
CA CYS A 322 -9.56 -2.79 -8.39
C CYS A 322 -8.43 -3.78 -8.69
N GLY A 323 -8.76 -5.05 -8.94
CA GLY A 323 -7.77 -6.06 -9.21
C GLY A 323 -7.01 -6.58 -8.01
N LEU A 324 -7.56 -6.42 -6.80
CA LEU A 324 -6.80 -6.77 -5.60
C LEU A 324 -6.49 -8.27 -5.49
N ALA A 325 -7.16 -9.13 -6.25
CA ALA A 325 -6.82 -10.54 -6.22
C ALA A 325 -5.91 -10.97 -7.38
N ALA A 326 -5.36 -10.00 -8.14
CA ALA A 326 -4.54 -10.34 -9.30
C ALA A 326 -3.22 -10.99 -8.93
N CYS A 327 -2.52 -10.51 -7.88
CA CYS A 327 -1.23 -11.15 -7.54
C CYS A 327 -0.94 -10.94 -6.05
N ALA A 328 -1.61 -11.72 -5.23
CA ALA A 328 -1.38 -11.72 -3.79
C ALA A 328 -0.30 -12.73 -3.42
N SER A 329 0.41 -12.45 -2.32
CA SER A 329 1.47 -13.35 -1.90
CA SER A 329 1.54 -13.29 -1.94
C SER A 329 1.83 -13.05 -0.46
N TYR A 330 2.54 -14.00 0.17
CA TYR A 330 3.03 -13.80 1.53
C TYR A 330 4.23 -14.70 1.74
N PRO A 331 5.07 -14.40 2.73
CA PRO A 331 6.26 -15.22 2.99
C PRO A 331 6.05 -16.20 4.12
N ILE A 332 6.77 -17.31 4.06
CA ILE A 332 6.99 -18.19 5.21
C ILE A 332 8.36 -17.85 5.77
N PRO A 333 8.46 -17.35 6.99
CA PRO A 333 9.74 -16.89 7.51
C PRO A 333 10.65 -18.04 7.92
N LEU A 334 11.95 -17.78 7.83
CA LEU A 334 12.95 -18.70 8.36
C LEU A 334 13.28 -18.22 9.77
N VAL A 335 12.80 -18.93 10.78
CA VAL A 335 12.95 -18.51 12.16
C VAL A 335 13.49 -19.63 13.06
#